data_4AQL
#
_entry.id   4AQL
#
_cell.length_a   86.729
_cell.length_b   91.383
_cell.length_c   131.913
_cell.angle_alpha   90.00
_cell.angle_beta   90.00
_cell.angle_gamma   90.00
#
_symmetry.space_group_name_H-M   'C 2 2 21'
#
loop_
_entity.id
_entity.type
_entity.pdbx_description
1 polymer 'GUANINE DEAMINASE'
2 non-polymer 'ZINC ION'
3 non-polymer '2-[(2-amino-6-oxo-1,6-dihydro-9H-purin-9-yl)methoxy]ethyl L-valinate'
4 water water
#
_entity_poly.entity_id   1
_entity_poly.type   'polypeptide(L)'
_entity_poly.pdbx_seq_one_letter_code
;MHHHHHHSSGVDLGTENLYFQSMCAAQMPPLAHIFRGTFVHSTWTCPMEVLRDHLLGVSDSGKIVFLEEASQQEKLAKEW
CFKPCEIRELSHHEFFMPGLVDTHIHASQYSFAGSSIDLPLLEWLTKYTFPAEHRFQNIDFAEEVYTRVVRRTLKNGTTT
ACYFATIHTDSSLLLADITDKFGQRAFVGKVCMDLNDTFPEYKETTEESIKETERFVSEMLQKNYSRVKPIVTPRFSLSC
SETLMGELGNIAKTRDLHIQSHISENRDEVEAVKNLYPSYKNYTSVYDKNNLLTNKTVMAHGCYLSAEELNVFHERGASI
AHCPNSNLSLSSGFLNVLEVLKHEVKIGLGTDVAGGYSYSMLDAIRRAVMVSNILLINKVNEKSLTLKEVFRLATLGGSQ
ALGLDGEIGNFEVGKEFDAILINPKASDSPIDLFYGDFFGDISEAVIQKFLYLGDDRNIEEVYVGGKQVVPFSSSV
;
_entity_poly.pdbx_strand_id   A
#
loop_
_chem_comp.id
_chem_comp.type
_chem_comp.name
_chem_comp.formula
TXC non-polymer '2-[(2-amino-6-oxo-1,6-dihydro-9H-purin-9-yl)methoxy]ethyl L-valinate' 'C13 H20 N6 O4'
ZN non-polymer 'ZINC ION' 'Zn 2'
#
# COMPACT_ATOMS: atom_id res chain seq x y z
N LEU A 31 2.86 -9.76 -28.63
CA LEU A 31 2.05 -9.84 -27.38
C LEU A 31 2.54 -10.97 -26.46
N ALA A 32 2.67 -10.66 -25.17
CA ALA A 32 3.11 -11.65 -24.18
C ALA A 32 1.95 -12.52 -23.71
N HIS A 33 0.76 -11.95 -23.60
CA HIS A 33 -0.40 -12.71 -23.13
C HIS A 33 -1.66 -12.19 -23.75
N ILE A 34 -2.61 -13.09 -23.96
CA ILE A 34 -3.97 -12.70 -24.25
C ILE A 34 -4.84 -13.52 -23.37
N PHE A 35 -5.73 -12.88 -22.64
CA PHE A 35 -6.58 -13.59 -21.71
C PHE A 35 -8.01 -13.41 -22.13
N ARG A 36 -8.80 -14.46 -22.02
CA ARG A 36 -10.24 -14.35 -22.12
C ARG A 36 -10.96 -14.79 -20.84
N GLY A 37 -11.80 -13.91 -20.31
CA GLY A 37 -12.66 -14.23 -19.18
C GLY A 37 -13.20 -12.98 -18.48
N THR A 38 -13.38 -13.11 -17.16
CA THR A 38 -13.97 -12.06 -16.36
C THR A 38 -12.89 -11.23 -15.69
N PHE A 39 -13.05 -9.92 -15.79
CA PHE A 39 -12.19 -8.92 -15.14
C PHE A 39 -13.02 -8.00 -14.23
N VAL A 40 -12.52 -7.76 -13.02
CA VAL A 40 -13.24 -7.00 -12.00
C VAL A 40 -12.27 -5.90 -11.59
N HIS A 41 -12.68 -4.65 -11.70
CA HIS A 41 -11.85 -3.51 -11.32
C HIS A 41 -12.72 -2.36 -10.90
N SER A 42 -12.09 -1.27 -10.48
CA SER A 42 -12.79 -0.04 -10.11
C SER A 42 -12.54 1.03 -11.17
N THR A 43 -13.43 2.00 -11.24
CA THR A 43 -13.15 3.23 -11.95
C THR A 43 -13.55 4.37 -11.03
N TRP A 44 -13.24 5.61 -11.41
CA TRP A 44 -13.65 6.75 -10.56
C TRP A 44 -15.12 6.98 -10.55
N THR A 45 -15.85 6.44 -11.52
CA THR A 45 -17.27 6.63 -11.54
C THR A 45 -18.00 5.36 -11.14
N CYS A 46 -17.28 4.23 -11.07
CA CYS A 46 -17.90 2.97 -10.65
C CYS A 46 -17.02 2.17 -9.68
N PRO A 47 -17.44 2.01 -8.41
CA PRO A 47 -16.56 1.35 -7.43
C PRO A 47 -16.13 -0.10 -7.80
N MET A 48 -17.04 -0.86 -8.42
CA MET A 48 -16.71 -2.16 -8.91
C MET A 48 -17.44 -2.48 -10.22
N GLU A 49 -16.67 -2.58 -11.29
CA GLU A 49 -17.18 -2.86 -12.62
C GLU A 49 -16.72 -4.28 -12.97
N VAL A 50 -17.68 -5.14 -13.30
CA VAL A 50 -17.40 -6.52 -13.70
C VAL A 50 -17.53 -6.64 -15.22
N LEU A 51 -16.43 -6.99 -15.88
CA LEU A 51 -16.38 -7.15 -17.34
C LEU A 51 -16.39 -8.61 -17.67
N ARG A 52 -17.52 -9.12 -18.13
CA ARG A 52 -17.64 -10.55 -18.36
C ARG A 52 -17.25 -10.89 -19.80
N ASP A 53 -16.75 -12.10 -19.98
CA ASP A 53 -16.23 -12.59 -21.28
C ASP A 53 -15.56 -11.52 -22.13
N HIS A 54 -14.48 -10.98 -21.59
CA HIS A 54 -13.71 -9.97 -22.26
C HIS A 54 -12.40 -10.55 -22.67
N LEU A 55 -11.77 -9.89 -23.62
CA LEU A 55 -10.44 -10.23 -24.08
C LEU A 55 -9.48 -9.11 -23.70
N LEU A 56 -8.37 -9.48 -23.08
CA LEU A 56 -7.35 -8.51 -22.72
C LEU A 56 -5.98 -8.91 -23.24
N GLY A 57 -5.30 -7.98 -23.86
CA GLY A 57 -3.98 -8.24 -24.40
C GLY A 57 -2.91 -7.45 -23.68
N VAL A 58 -1.79 -8.10 -23.43
CA VAL A 58 -0.65 -7.51 -22.74
C VAL A 58 0.59 -7.59 -23.62
N SER A 59 1.26 -6.46 -23.76
CA SER A 59 2.43 -6.42 -24.63
C SER A 59 3.66 -7.00 -23.96
N ASP A 60 4.71 -7.13 -24.77
CA ASP A 60 6.04 -7.50 -24.30
C ASP A 60 6.56 -6.54 -23.23
N SER A 61 6.30 -5.25 -23.37
CA SER A 61 6.74 -4.25 -22.40
C SER A 61 5.90 -4.27 -21.11
N GLY A 62 4.85 -5.08 -21.09
CA GLY A 62 4.01 -5.25 -19.91
C GLY A 62 2.77 -4.38 -19.88
N LYS A 63 2.48 -3.67 -20.98
CA LYS A 63 1.30 -2.78 -21.07
C LYS A 63 0.05 -3.48 -21.54
N ILE A 64 -1.10 -2.99 -21.07
CA ILE A 64 -2.39 -3.46 -21.55
C ILE A 64 -2.62 -2.75 -22.91
N VAL A 65 -2.74 -3.54 -23.97
CA VAL A 65 -2.84 -3.01 -25.35
C VAL A 65 -4.24 -3.06 -25.91
N PHE A 66 -5.06 -3.96 -25.37
CA PHE A 66 -6.48 -3.92 -25.64
C PHE A 66 -7.31 -4.55 -24.55
N LEU A 67 -8.58 -4.15 -24.49
CA LEU A 67 -9.55 -4.70 -23.55
C LEU A 67 -10.94 -4.56 -24.15
N GLU A 68 -11.50 -5.64 -24.67
CA GLU A 68 -12.78 -5.55 -25.37
C GLU A 68 -13.59 -6.81 -25.20
N GLU A 69 -14.88 -6.72 -25.47
CA GLU A 69 -15.76 -7.88 -25.48
C GLU A 69 -15.23 -8.96 -26.41
N ALA A 70 -15.46 -10.22 -26.07
CA ALA A 70 -14.94 -11.34 -26.86
C ALA A 70 -15.55 -11.40 -28.27
N SER A 71 -16.71 -10.79 -28.47
CA SER A 71 -17.29 -10.62 -29.81
C SER A 71 -16.30 -9.99 -30.81
N GLN A 72 -15.29 -9.30 -30.29
CA GLN A 72 -14.27 -8.66 -31.12
C GLN A 72 -13.01 -9.52 -31.37
N GLN A 73 -13.07 -10.81 -31.04
CA GLN A 73 -11.93 -11.69 -31.23
C GLN A 73 -11.34 -11.64 -32.65
N GLU A 74 -12.19 -11.78 -33.67
CA GLU A 74 -11.70 -11.85 -35.03
C GLU A 74 -10.95 -10.57 -35.37
N LYS A 75 -11.56 -9.41 -35.09
CA LYS A 75 -10.96 -8.11 -35.37
C LYS A 75 -9.60 -7.93 -34.66
N LEU A 76 -9.57 -8.26 -33.37
CA LEU A 76 -8.34 -8.10 -32.59
C LEU A 76 -7.26 -9.05 -33.09
N ALA A 77 -7.64 -10.29 -33.39
CA ALA A 77 -6.70 -11.28 -33.92
C ALA A 77 -5.97 -10.78 -35.18
N LYS A 78 -6.65 -9.98 -35.99
CA LYS A 78 -6.03 -9.41 -37.19
C LYS A 78 -5.18 -8.21 -36.83
N GLU A 79 -5.76 -7.21 -36.17
CA GLU A 79 -5.02 -6.00 -35.75
C GLU A 79 -3.70 -6.32 -35.06
N TRP A 80 -3.76 -7.24 -34.09
CA TRP A 80 -2.62 -7.54 -33.18
C TRP A 80 -1.88 -8.80 -33.52
N CYS A 81 -2.21 -9.44 -34.63
CA CYS A 81 -1.45 -10.57 -35.14
C CYS A 81 -1.28 -11.71 -34.13
N PHE A 82 -2.38 -12.34 -33.74
CA PHE A 82 -2.32 -13.53 -32.89
C PHE A 82 -3.37 -14.55 -33.32
N LYS A 83 -3.15 -15.81 -32.98
CA LYS A 83 -4.08 -16.88 -33.31
C LYS A 83 -4.98 -17.17 -32.11
N PRO A 84 -6.21 -17.63 -32.36
CA PRO A 84 -7.12 -18.13 -31.34
C PRO A 84 -6.51 -19.15 -30.38
N CYS A 85 -5.59 -20.00 -30.82
CA CYS A 85 -4.95 -20.98 -29.93
C CYS A 85 -4.00 -20.31 -28.92
N GLU A 86 -3.59 -19.08 -29.19
CA GLU A 86 -2.69 -18.33 -28.30
C GLU A 86 -3.43 -17.71 -27.10
N ILE A 87 -4.76 -17.72 -27.13
CA ILE A 87 -5.58 -17.07 -26.12
C ILE A 87 -5.71 -17.97 -24.90
N ARG A 88 -5.38 -17.46 -23.72
CA ARG A 88 -5.64 -18.22 -22.49
C ARG A 88 -7.05 -17.94 -21.95
N GLU A 89 -7.87 -19.00 -21.92
CA GLU A 89 -9.23 -18.95 -21.39
C GLU A 89 -9.26 -19.27 -19.89
N LEU A 90 -9.78 -18.34 -19.10
CA LEU A 90 -9.95 -18.55 -17.68
C LEU A 90 -11.08 -19.54 -17.49
N SER A 91 -10.97 -20.35 -16.47
CA SER A 91 -12.08 -21.17 -16.04
C SER A 91 -13.34 -20.31 -15.85
N HIS A 92 -14.46 -20.98 -15.90
CA HIS A 92 -15.74 -20.33 -15.85
C HIS A 92 -15.99 -19.65 -14.53
N HIS A 93 -15.32 -20.06 -13.46
CA HIS A 93 -15.51 -19.47 -12.15
C HIS A 93 -14.32 -18.67 -11.70
N GLU A 94 -13.39 -18.36 -12.59
CA GLU A 94 -12.21 -17.53 -12.24
C GLU A 94 -12.42 -16.09 -12.69
N PHE A 95 -11.66 -15.18 -12.08
CA PHE A 95 -11.65 -13.78 -12.52
C PHE A 95 -10.33 -13.12 -12.23
N PHE A 96 -9.99 -12.12 -13.03
CA PHE A 96 -8.85 -11.30 -12.78
C PHE A 96 -9.32 -10.08 -12.00
N MET A 97 -8.47 -9.60 -11.09
CA MET A 97 -8.65 -8.26 -10.52
C MET A 97 -7.32 -7.56 -10.43
N PRO A 98 -7.34 -6.25 -10.22
CA PRO A 98 -6.05 -5.57 -10.20
C PRO A 98 -5.27 -5.99 -8.96
N GLY A 99 -3.96 -5.85 -9.02
CA GLY A 99 -3.16 -6.07 -7.86
C GLY A 99 -3.49 -5.10 -6.74
N LEU A 100 -3.35 -5.59 -5.51
CA LEU A 100 -3.59 -4.83 -4.32
C LEU A 100 -2.37 -3.96 -4.04
N VAL A 101 -2.67 -2.76 -3.55
CA VAL A 101 -1.66 -1.72 -3.32
C VAL A 101 -1.57 -1.44 -1.83
N ASP A 102 -0.45 -1.81 -1.19
CA ASP A 102 -0.24 -1.58 0.25
C ASP A 102 0.55 -0.26 0.44
N THR A 103 -0.14 0.79 0.82
CA THR A 103 0.45 2.13 0.90
C THR A 103 1.33 2.35 2.13
N HIS A 104 1.37 1.39 3.06
CA HIS A 104 2.20 1.56 4.25
C HIS A 104 2.45 0.26 4.97
N ILE A 105 3.69 -0.17 5.00
CA ILE A 105 4.08 -1.38 5.71
C ILE A 105 5.53 -1.22 6.20
N HIS A 106 5.81 -1.63 7.42
CA HIS A 106 7.16 -1.69 7.92
C HIS A 106 7.73 -3.05 7.68
N ALA A 107 8.47 -3.20 6.59
CA ALA A 107 9.07 -4.50 6.23
C ALA A 107 9.93 -5.07 7.35
N SER A 108 10.60 -4.16 8.06
CA SER A 108 11.49 -4.52 9.15
C SER A 108 10.85 -5.01 10.43
N GLN A 109 9.54 -4.83 10.57
CA GLN A 109 8.85 -5.34 11.73
C GLN A 109 8.21 -6.68 11.47
N TYR A 110 8.33 -7.23 10.25
CA TYR A 110 7.66 -8.51 9.93
C TYR A 110 8.05 -9.65 10.86
N SER A 111 9.27 -9.64 11.41
CA SER A 111 9.68 -10.78 12.23
C SER A 111 8.81 -10.97 13.45
N PHE A 112 8.21 -9.90 14.00
CA PHE A 112 7.33 -10.11 15.18
C PHE A 112 5.85 -9.83 14.91
N ALA A 113 5.48 -9.65 13.66
CA ALA A 113 4.06 -9.47 13.33
C ALA A 113 3.24 -10.68 13.81
N GLY A 114 2.13 -10.40 14.49
CA GLY A 114 1.22 -11.42 14.99
C GLY A 114 1.53 -11.75 16.43
N SER A 115 2.36 -10.96 17.08
CA SER A 115 2.58 -11.13 18.50
C SER A 115 2.49 -9.75 19.12
N SER A 116 2.72 -9.67 20.42
CA SER A 116 2.82 -8.38 21.12
C SER A 116 1.47 -7.60 21.07
N ILE A 117 1.42 -6.50 20.31
CA ILE A 117 0.17 -5.74 20.05
C ILE A 117 -0.72 -5.56 21.30
N ASP A 118 -0.12 -5.22 22.45
CA ASP A 118 -0.86 -5.08 23.72
C ASP A 118 -0.61 -3.77 24.49
N LEU A 119 0.63 -3.54 24.96
CA LEU A 119 1.00 -2.30 25.65
C LEU A 119 0.76 -1.08 24.73
N PRO A 120 0.73 0.15 25.30
CA PRO A 120 0.48 1.33 24.46
C PRO A 120 1.67 1.69 23.58
N LEU A 121 1.43 2.58 22.62
CA LEU A 121 2.32 2.77 21.46
C LEU A 121 3.74 3.29 21.74
N LEU A 122 3.95 4.14 22.75
CA LEU A 122 5.34 4.50 23.12
C LEU A 122 5.98 3.37 23.91
N GLU A 123 5.21 2.75 24.81
CA GLU A 123 5.66 1.54 25.45
C GLU A 123 6.07 0.56 24.38
N TRP A 124 5.18 0.37 23.40
CA TRP A 124 5.34 -0.66 22.33
C TRP A 124 6.54 -0.41 21.49
N LEU A 125 6.59 0.79 20.91
CA LEU A 125 7.75 1.23 20.13
C LEU A 125 9.04 0.89 20.91
N THR A 126 9.08 1.20 22.20
CA THR A 126 10.28 0.93 23.01
C THR A 126 10.53 -0.54 23.30
N LYS A 127 9.46 -1.27 23.56
CA LYS A 127 9.62 -2.62 24.01
C LYS A 127 9.90 -3.59 22.87
N TYR A 128 9.21 -3.42 21.74
CA TYR A 128 9.28 -4.39 20.64
C TYR A 128 9.96 -3.84 19.40
N THR A 129 9.49 -2.68 18.97
CA THR A 129 9.80 -2.22 17.66
C THR A 129 11.27 -1.82 17.53
N PHE A 130 11.74 -0.95 18.41
CA PHE A 130 13.10 -0.44 18.25
C PHE A 130 14.12 -1.54 18.39
N PRO A 131 13.95 -2.48 19.33
CA PRO A 131 14.94 -3.56 19.34
C PRO A 131 14.93 -4.43 18.08
N ALA A 132 13.75 -4.69 17.51
CA ALA A 132 13.69 -5.46 16.28
C ALA A 132 14.37 -4.73 15.12
N GLU A 133 14.11 -3.43 14.98
CA GLU A 133 14.75 -2.67 13.89
C GLU A 133 16.28 -2.55 14.11
N HIS A 134 16.74 -2.56 15.36
CA HIS A 134 18.15 -2.41 15.66
C HIS A 134 18.94 -3.60 15.15
N ARG A 135 18.30 -4.76 15.04
CA ARG A 135 18.96 -5.96 14.51
C ARG A 135 19.30 -5.88 13.03
N PHE A 136 18.72 -4.92 12.31
CA PHE A 136 18.99 -4.80 10.87
C PHE A 136 20.37 -4.21 10.53
N GLN A 137 21.15 -3.92 11.56
CA GLN A 137 22.59 -3.64 11.42
C GLN A 137 23.33 -4.89 10.95
N ASN A 138 22.72 -6.05 11.12
CA ASN A 138 23.23 -7.31 10.57
C ASN A 138 22.57 -7.61 9.22
N ILE A 139 23.37 -7.60 8.17
CA ILE A 139 22.89 -7.76 6.82
C ILE A 139 22.29 -9.14 6.57
N ASP A 140 22.75 -10.16 7.28
CA ASP A 140 22.22 -11.51 7.10
C ASP A 140 20.84 -11.65 7.71
N PHE A 141 20.65 -11.06 8.88
CA PHE A 141 19.30 -10.93 9.46
C PHE A 141 18.34 -10.19 8.50
N ALA A 142 18.74 -9.01 8.05
CA ALA A 142 18.00 -8.24 7.05
C ALA A 142 17.56 -9.11 5.88
N GLU A 143 18.50 -9.87 5.33
CA GLU A 143 18.21 -10.71 4.19
C GLU A 143 17.08 -11.71 4.45
N GLU A 144 17.09 -12.36 5.62
CA GLU A 144 16.06 -13.35 5.94
C GLU A 144 14.67 -12.70 6.10
N VAL A 145 14.58 -11.63 6.90
CA VAL A 145 13.31 -11.01 7.16
C VAL A 145 12.74 -10.40 5.88
N TYR A 146 13.56 -9.68 5.14
CA TYR A 146 13.09 -8.99 3.94
C TYR A 146 12.71 -9.96 2.80
N THR A 147 13.44 -11.07 2.67
CA THR A 147 13.05 -12.10 1.71
C THR A 147 11.67 -12.64 2.08
N ARG A 148 11.45 -12.97 3.34
CA ARG A 148 10.17 -13.51 3.74
C ARG A 148 9.01 -12.55 3.53
N VAL A 149 9.23 -11.26 3.84
CA VAL A 149 8.14 -10.30 3.72
C VAL A 149 7.73 -10.02 2.28
N VAL A 150 8.70 -9.92 1.37
CA VAL A 150 8.42 -9.68 -0.03
C VAL A 150 7.72 -10.92 -0.63
N ARG A 151 8.14 -12.12 -0.26
CA ARG A 151 7.51 -13.32 -0.81
C ARG A 151 6.07 -13.43 -0.27
N ARG A 152 5.91 -13.17 1.01
CA ARG A 152 4.59 -13.30 1.65
C ARG A 152 3.56 -12.30 1.11
N THR A 153 3.94 -11.03 0.96
CA THR A 153 2.99 -10.02 0.48
C THR A 153 2.67 -10.29 -1.00
N LEU A 154 3.69 -10.63 -1.82
CA LEU A 154 3.42 -11.00 -3.23
C LEU A 154 2.43 -12.14 -3.34
N LYS A 155 2.58 -13.17 -2.52
CA LYS A 155 1.70 -14.32 -2.62
C LYS A 155 0.30 -14.02 -2.12
N ASN A 156 0.14 -12.97 -1.33
CA ASN A 156 -1.17 -12.50 -0.90
C ASN A 156 -1.75 -11.44 -1.83
N GLY A 157 -1.11 -11.27 -2.97
CA GLY A 157 -1.62 -10.41 -4.02
C GLY A 157 -1.25 -8.94 -3.96
N THR A 158 -0.31 -8.58 -3.09
CA THR A 158 0.19 -7.21 -3.00
C THR A 158 1.23 -7.02 -4.07
N THR A 159 0.84 -6.36 -5.14
CA THR A 159 1.72 -6.17 -6.25
C THR A 159 2.55 -4.90 -6.14
N THR A 160 2.07 -3.95 -5.37
CA THR A 160 2.79 -2.69 -5.06
C THR A 160 2.77 -2.42 -3.56
N ALA A 161 3.94 -2.15 -3.02
CA ALA A 161 4.14 -1.91 -1.60
C ALA A 161 4.99 -0.70 -1.38
N CYS A 162 4.57 0.11 -0.43
CA CYS A 162 5.34 1.25 0.06
C CYS A 162 5.93 0.89 1.43
N TYR A 163 7.20 0.48 1.43
CA TYR A 163 7.89 -0.04 2.58
C TYR A 163 8.68 1.02 3.38
N PHE A 164 8.55 0.96 4.70
CA PHE A 164 9.53 1.54 5.64
C PHE A 164 10.52 0.43 5.92
N ALA A 165 11.81 0.75 5.87
CA ALA A 165 12.81 -0.24 6.20
C ALA A 165 13.33 0.09 7.62
N THR A 166 14.63 0.33 7.75
CA THR A 166 15.24 0.74 9.01
C THR A 166 16.13 1.95 8.74
N ILE A 167 16.80 2.41 9.79
CA ILE A 167 17.75 3.49 9.66
C ILE A 167 19.02 3.09 8.92
N HIS A 168 19.22 1.79 8.69
CA HIS A 168 20.48 1.29 8.08
C HIS A 168 20.43 1.37 6.57
N THR A 169 21.37 2.11 5.99
CA THR A 169 21.32 2.29 4.53
C THR A 169 21.55 1.00 3.79
N ASP A 170 22.55 0.22 4.19
CA ASP A 170 22.87 -1.00 3.41
C ASP A 170 21.75 -2.09 3.45
N SER A 171 21.19 -2.35 4.62
CA SER A 171 20.04 -3.23 4.75
C SER A 171 18.83 -2.71 4.01
N SER A 172 18.62 -1.41 3.96
CA SER A 172 17.49 -0.88 3.20
C SER A 172 17.69 -1.03 1.69
N LEU A 173 18.94 -0.94 1.21
CA LEU A 173 19.31 -1.25 -0.19
C LEU A 173 19.13 -2.73 -0.55
N LEU A 174 19.37 -3.60 0.41
CA LEU A 174 19.13 -5.01 0.23
C LEU A 174 17.61 -5.27 0.02
N LEU A 175 16.75 -4.57 0.77
CA LEU A 175 15.32 -4.72 0.58
C LEU A 175 14.97 -4.35 -0.86
N ALA A 176 15.50 -3.24 -1.34
CA ALA A 176 15.20 -2.79 -2.67
C ALA A 176 15.62 -3.86 -3.72
N ASP A 177 16.79 -4.46 -3.50
CA ASP A 177 17.31 -5.49 -4.37
C ASP A 177 16.43 -6.75 -4.35
N ILE A 178 16.00 -7.16 -3.15
CA ILE A 178 15.07 -8.27 -2.98
C ILE A 178 13.74 -8.08 -3.71
N THR A 179 13.14 -6.91 -3.54
CA THR A 179 11.89 -6.59 -4.21
C THR A 179 12.06 -6.62 -5.73
N ASP A 180 13.20 -6.13 -6.21
CA ASP A 180 13.53 -6.19 -7.64
C ASP A 180 13.67 -7.63 -8.13
N LYS A 181 14.34 -8.47 -7.36
CA LYS A 181 14.56 -9.86 -7.72
C LYS A 181 13.21 -10.58 -7.84
N PHE A 182 12.32 -10.32 -6.91
CA PHE A 182 11.02 -10.95 -6.93
C PHE A 182 10.04 -10.31 -7.89
N GLY A 183 10.35 -9.13 -8.39
CA GLY A 183 9.48 -8.48 -9.34
C GLY A 183 8.31 -7.70 -8.74
N GLN A 184 8.32 -7.46 -7.43
CA GLN A 184 7.28 -6.61 -6.81
C GLN A 184 7.56 -5.13 -7.12
N ARG A 185 6.52 -4.33 -7.32
CA ARG A 185 6.66 -2.90 -7.51
C ARG A 185 6.73 -2.27 -6.12
N ALA A 186 7.63 -1.32 -5.88
CA ALA A 186 7.81 -0.84 -4.53
C ALA A 186 8.56 0.47 -4.39
N PHE A 187 8.19 1.19 -3.36
CA PHE A 187 8.97 2.30 -2.81
C PHE A 187 9.66 1.79 -1.58
N VAL A 188 10.94 2.07 -1.44
CA VAL A 188 11.70 1.61 -0.30
C VAL A 188 12.34 2.83 0.36
N GLY A 189 12.18 2.90 1.66
CA GLY A 189 12.51 4.06 2.42
C GLY A 189 13.40 3.71 3.58
N LYS A 190 14.61 4.21 3.50
CA LYS A 190 15.53 4.22 4.62
C LYS A 190 14.93 5.20 5.63
N VAL A 191 14.69 4.76 6.86
CA VAL A 191 14.05 5.59 7.85
C VAL A 191 15.07 6.61 8.46
N CYS A 192 14.64 7.84 8.73
CA CYS A 192 15.52 8.80 9.44
C CYS A 192 15.01 9.10 10.82
N MET A 193 15.92 9.05 11.80
CA MET A 193 15.63 9.55 13.12
C MET A 193 16.91 10.01 13.86
N ASP A 194 16.88 11.25 14.33
CA ASP A 194 17.95 11.77 15.15
C ASP A 194 17.51 12.06 16.59
N LEU A 195 16.24 11.85 16.92
CA LEU A 195 15.81 11.86 18.30
C LEU A 195 15.26 10.46 18.71
N ASN A 196 15.72 9.93 19.83
CA ASN A 196 15.17 8.68 20.37
C ASN A 196 15.51 8.53 21.88
N ASP A 197 14.75 9.23 22.71
CA ASP A 197 14.97 9.25 24.16
C ASP A 197 14.74 7.90 24.84
N THR A 198 13.74 7.15 24.39
CA THR A 198 13.41 5.90 25.05
C THR A 198 14.25 4.69 24.61
N PHE A 199 14.97 4.78 23.48
CA PHE A 199 15.88 3.69 23.04
C PHE A 199 17.07 4.30 22.30
N PRO A 200 17.93 5.04 23.02
CA PRO A 200 18.96 5.87 22.39
C PRO A 200 20.00 5.11 21.54
N GLU A 201 20.12 3.80 21.75
CA GLU A 201 20.96 2.93 20.91
C GLU A 201 20.51 2.94 19.43
N TYR A 202 19.23 3.26 19.19
CA TYR A 202 18.64 3.24 17.85
C TYR A 202 18.31 4.64 17.40
N LYS A 203 19.33 5.33 16.91
CA LYS A 203 19.16 6.62 16.25
C LYS A 203 20.45 6.99 15.54
N GLU A 204 20.39 8.06 14.75
CA GLU A 204 21.54 8.62 14.06
C GLU A 204 21.76 10.04 14.58
N THR A 205 22.93 10.63 14.33
CA THR A 205 23.11 12.06 14.52
C THR A 205 22.45 12.69 13.33
N THR A 206 22.20 14.00 13.43
CA THR A 206 21.49 14.72 12.39
C THR A 206 22.24 14.71 11.08
N GLU A 207 23.54 14.95 11.17
CA GLU A 207 24.41 14.96 10.01
C GLU A 207 24.49 13.58 9.35
N GLU A 208 24.67 12.55 10.17
CA GLU A 208 24.69 11.15 9.73
C GLU A 208 23.41 10.79 8.96
N SER A 209 22.28 11.27 9.45
CA SER A 209 20.99 10.98 8.89
C SER A 209 20.92 11.55 7.49
N ILE A 210 21.35 12.80 7.34
CA ILE A 210 21.39 13.47 6.04
C ILE A 210 22.33 12.75 5.07
N LYS A 211 23.58 12.51 5.48
CA LYS A 211 24.55 11.84 4.64
C LYS A 211 24.09 10.45 4.21
N GLU A 212 23.64 9.64 5.18
CA GLU A 212 23.13 8.32 4.86
C GLU A 212 21.90 8.35 3.94
N THR A 213 21.02 9.34 4.05
CA THR A 213 19.88 9.44 3.14
C THR A 213 20.38 9.75 1.72
N GLU A 214 21.31 10.70 1.63
CA GLU A 214 21.94 11.03 0.34
C GLU A 214 22.58 9.81 -0.27
N ARG A 215 23.30 9.02 0.53
CA ARG A 215 23.90 7.80 0.02
C ARG A 215 22.86 6.76 -0.43
N PHE A 216 21.84 6.55 0.40
CA PHE A 216 20.76 5.62 0.02
C PHE A 216 20.17 5.99 -1.34
N VAL A 217 19.81 7.26 -1.50
CA VAL A 217 19.15 7.71 -2.73
C VAL A 217 20.09 7.55 -3.94
N SER A 218 21.35 7.92 -3.79
CA SER A 218 22.30 7.83 -4.90
C SER A 218 22.47 6.37 -5.32
N GLU A 219 22.68 5.48 -4.37
CA GLU A 219 22.84 4.07 -4.66
C GLU A 219 21.60 3.43 -5.29
N MET A 220 20.41 3.87 -4.84
CA MET A 220 19.16 3.44 -5.46
C MET A 220 19.12 3.89 -6.91
N LEU A 221 19.42 5.15 -7.15
CA LEU A 221 19.40 5.66 -8.54
C LEU A 221 20.45 4.97 -9.43
N GLN A 222 21.59 4.59 -8.85
CA GLN A 222 22.63 3.85 -9.57
C GLN A 222 22.18 2.46 -10.02
N LYS A 223 21.37 1.78 -9.22
CA LYS A 223 20.86 0.46 -9.58
C LYS A 223 19.87 0.52 -10.73
N ASN A 224 19.16 1.64 -10.83
CA ASN A 224 18.26 1.90 -11.94
C ASN A 224 17.14 0.85 -12.08
N TYR A 225 16.58 0.44 -10.96
CA TYR A 225 15.57 -0.60 -10.98
C TYR A 225 14.34 -0.09 -11.69
N SER A 226 13.73 -0.97 -12.48
CA SER A 226 12.61 -0.58 -13.32
C SER A 226 11.38 -0.24 -12.50
N ARG A 227 11.15 -0.93 -11.38
CA ARG A 227 9.93 -0.63 -10.62
C ARG A 227 10.10 -0.60 -9.10
N VAL A 228 11.34 -0.30 -8.66
CA VAL A 228 11.61 -0.05 -7.25
C VAL A 228 12.34 1.30 -7.13
N LYS A 229 11.73 2.25 -6.42
CA LYS A 229 12.25 3.60 -6.29
C LYS A 229 12.45 3.98 -4.82
N PRO A 230 13.38 4.91 -4.55
CA PRO A 230 13.59 5.34 -3.18
C PRO A 230 12.49 6.30 -2.76
N ILE A 231 12.20 6.37 -1.48
CA ILE A 231 11.28 7.33 -0.91
C ILE A 231 11.89 7.93 0.36
N VAL A 232 11.81 9.25 0.50
CA VAL A 232 12.32 9.96 1.69
C VAL A 232 11.41 9.76 2.91
N THR A 233 11.99 9.31 4.02
CA THR A 233 11.22 8.78 5.16
C THR A 233 11.69 9.30 6.55
N PRO A 234 11.31 10.54 6.91
CA PRO A 234 11.38 10.90 8.35
C PRO A 234 10.37 10.04 9.11
N ARG A 235 10.81 9.37 10.15
CA ARG A 235 9.91 8.42 10.80
C ARG A 235 8.60 9.10 11.22
N PHE A 236 8.75 10.20 11.94
CA PHE A 236 7.69 11.12 12.33
C PHE A 236 8.30 12.28 13.07
N SER A 237 7.50 13.29 13.31
CA SER A 237 8.02 14.58 13.80
C SER A 237 8.73 14.46 15.16
N LEU A 238 8.26 13.54 16.00
CA LEU A 238 8.87 13.29 17.29
C LEU A 238 10.24 12.61 17.22
N SER A 239 10.63 12.02 16.10
CA SER A 239 11.96 11.45 16.03
C SER A 239 12.89 12.26 15.13
N CYS A 240 12.40 13.31 14.49
CA CYS A 240 13.24 14.16 13.61
C CYS A 240 13.17 15.61 14.06
N SER A 241 14.34 16.18 14.36
CA SER A 241 14.50 17.62 14.57
C SER A 241 14.01 18.43 13.37
N GLU A 242 13.70 19.71 13.60
CA GLU A 242 13.38 20.68 12.53
C GLU A 242 14.45 20.70 11.47
N THR A 243 15.71 20.77 11.91
CA THR A 243 16.81 20.73 10.99
C THR A 243 16.72 19.53 10.08
N LEU A 244 16.61 18.33 10.64
CA LEU A 244 16.54 17.11 9.80
C LEU A 244 15.38 17.14 8.83
N MET A 245 14.20 17.48 9.36
CA MET A 245 12.99 17.49 8.56
C MET A 245 13.20 18.35 7.34
N GLY A 246 13.79 19.54 7.56
CA GLY A 246 13.96 20.53 6.50
C GLY A 246 14.92 20.05 5.43
N GLU A 247 15.99 19.38 5.84
CA GLU A 247 16.95 18.85 4.87
C GLU A 247 16.38 17.68 4.07
N LEU A 248 15.60 16.82 4.73
CA LEU A 248 14.92 15.73 4.01
C LEU A 248 13.98 16.31 2.98
N GLY A 249 13.22 17.33 3.36
CA GLY A 249 12.40 18.08 2.41
C GLY A 249 13.16 18.65 1.20
N ASN A 250 14.35 19.18 1.42
CA ASN A 250 15.20 19.67 0.33
C ASN A 250 15.67 18.53 -0.61
N ILE A 251 16.07 17.37 -0.03
CA ILE A 251 16.48 16.20 -0.82
C ILE A 251 15.31 15.73 -1.71
N ALA A 252 14.12 15.63 -1.12
CA ALA A 252 12.93 15.25 -1.87
C ALA A 252 12.65 16.20 -3.06
N LYS A 253 12.81 17.48 -2.81
CA LYS A 253 12.53 18.51 -3.80
C LYS A 253 13.54 18.42 -4.92
N THR A 254 14.81 18.37 -4.56
CA THR A 254 15.89 18.40 -5.53
C THR A 254 15.99 17.12 -6.37
N ARG A 255 15.70 15.95 -5.79
CA ARG A 255 15.64 14.69 -6.55
C ARG A 255 14.24 14.35 -7.06
N ASP A 256 13.26 15.20 -6.76
CA ASP A 256 11.87 14.98 -7.13
C ASP A 256 11.33 13.63 -6.63
N LEU A 257 11.54 13.36 -5.34
CA LEU A 257 11.15 12.09 -4.74
C LEU A 257 9.86 12.17 -3.93
N HIS A 258 9.25 11.00 -3.73
CA HIS A 258 8.15 10.84 -2.80
C HIS A 258 8.64 10.95 -1.39
N ILE A 259 7.71 11.25 -0.49
CA ILE A 259 7.95 11.33 0.94
C ILE A 259 6.86 10.50 1.62
N GLN A 260 7.24 9.81 2.67
CA GLN A 260 6.32 9.06 3.52
C GLN A 260 6.68 9.29 4.98
N SER A 261 5.62 9.43 5.79
CA SER A 261 5.76 9.56 7.24
C SER A 261 4.45 9.16 7.95
N HIS A 262 4.37 9.38 9.26
CA HIS A 262 3.16 9.10 10.04
C HIS A 262 2.58 10.39 10.49
N ILE A 263 1.26 10.45 10.60
CA ILE A 263 0.64 11.62 11.16
C ILE A 263 -0.59 11.33 12.00
N SER A 264 -0.69 12.09 13.12
CA SER A 264 -1.85 12.12 14.01
C SER A 264 -2.55 10.75 14.25
N GLU A 265 -1.72 9.78 14.58
CA GLU A 265 -2.14 8.39 14.78
C GLU A 265 -2.89 8.16 16.10
N ASN A 266 -2.44 8.83 17.18
CA ASN A 266 -3.13 8.71 18.46
C ASN A 266 -3.09 10.01 19.27
N ARG A 267 -3.93 10.10 20.29
CA ARG A 267 -4.13 11.33 21.06
C ARG A 267 -2.86 11.78 21.79
N ASP A 268 -2.11 10.82 22.31
CA ASP A 268 -0.87 11.15 23.01
C ASP A 268 0.19 11.68 22.06
N GLU A 269 0.23 11.12 20.86
CA GLU A 269 1.16 11.63 19.86
C GLU A 269 0.79 13.08 19.50
N VAL A 270 -0.50 13.33 19.29
CA VAL A 270 -0.99 14.66 18.94
C VAL A 270 -0.53 15.66 20.03
N GLU A 271 -0.72 15.28 21.30
CA GLU A 271 -0.33 16.16 22.40
C GLU A 271 1.19 16.29 22.55
N ALA A 272 1.94 15.22 22.32
CA ALA A 272 3.40 15.30 22.35
C ALA A 272 3.94 16.31 21.31
N VAL A 273 3.32 16.31 20.14
CA VAL A 273 3.77 17.20 19.07
C VAL A 273 3.49 18.63 19.42
N LYS A 274 2.32 18.86 19.97
CA LYS A 274 1.93 20.14 20.46
C LYS A 274 2.94 20.70 21.49
N ASN A 275 3.50 19.84 22.35
CA ASN A 275 4.46 20.28 23.35
C ASN A 275 5.92 20.30 22.90
N LEU A 276 6.31 19.48 21.92
CA LEU A 276 7.65 19.54 21.34
C LEU A 276 7.76 20.63 20.26
N TYR A 277 6.64 21.02 19.67
CA TYR A 277 6.61 22.01 18.58
C TYR A 277 5.50 23.02 18.83
N PRO A 278 5.58 23.74 19.97
CA PRO A 278 4.54 24.64 20.35
C PRO A 278 4.34 25.82 19.40
N SER A 279 5.30 26.15 18.54
CA SER A 279 5.18 27.29 17.65
C SER A 279 4.44 26.99 16.36
N TYR A 280 4.12 25.72 16.12
CA TYR A 280 3.33 25.33 14.97
C TYR A 280 1.86 25.20 15.32
N LYS A 281 1.03 25.63 14.40
CA LYS A 281 -0.42 25.63 14.61
C LYS A 281 -1.00 24.19 14.79
N ASN A 282 -0.46 23.21 14.07
CA ASN A 282 -0.94 21.83 14.19
C ASN A 282 0.08 20.86 13.61
N TYR A 283 -0.18 19.56 13.75
CA TYR A 283 0.74 18.54 13.27
C TYR A 283 1.02 18.75 11.78
N THR A 284 -0.02 19.04 11.03
CA THR A 284 0.15 19.22 9.59
C THR A 284 1.13 20.35 9.23
N SER A 285 1.04 21.44 9.97
N SER A 285 1.05 21.46 9.97
CA SER A 285 1.91 22.60 9.77
CA SER A 285 1.94 22.61 9.77
C SER A 285 3.39 22.30 10.02
C SER A 285 3.40 22.28 10.02
N VAL A 286 3.69 21.50 11.05
CA VAL A 286 5.05 21.06 11.30
C VAL A 286 5.69 20.46 10.05
N TYR A 287 4.94 19.59 9.34
CA TYR A 287 5.44 18.98 8.10
C TYR A 287 5.47 19.98 6.96
N ASP A 288 4.37 20.72 6.82
CA ASP A 288 4.16 21.61 5.68
C ASP A 288 5.24 22.71 5.64
N LYS A 289 5.51 23.31 6.79
CA LYS A 289 6.46 24.42 6.86
C LYS A 289 7.89 23.93 6.75
N ASN A 290 8.07 22.62 6.92
CA ASN A 290 9.37 22.03 6.70
C ASN A 290 9.49 21.26 5.39
N ASN A 291 8.65 21.60 4.43
CA ASN A 291 8.71 21.01 3.07
C ASN A 291 8.52 19.48 2.99
N LEU A 292 7.79 18.94 3.95
CA LEU A 292 7.47 17.53 3.97
C LEU A 292 6.04 17.21 3.51
N LEU A 293 5.23 18.22 3.15
CA LEU A 293 3.86 17.97 2.70
C LEU A 293 3.71 18.48 1.27
N THR A 294 3.87 17.55 0.32
CA THR A 294 3.98 17.85 -1.09
C THR A 294 2.94 17.01 -1.85
N ASN A 295 2.83 17.27 -3.16
CA ASN A 295 1.98 16.42 -4.01
C ASN A 295 2.48 14.99 -4.21
N LYS A 296 3.67 14.66 -3.71
CA LYS A 296 4.16 13.30 -3.68
C LYS A 296 4.34 12.78 -2.25
N THR A 297 3.53 13.24 -1.29
CA THR A 297 3.63 12.80 0.09
C THR A 297 2.49 11.86 0.49
N VAL A 298 2.82 10.83 1.24
CA VAL A 298 1.83 9.96 1.83
C VAL A 298 2.09 9.88 3.30
N MET A 299 1.03 10.07 4.09
CA MET A 299 1.11 10.01 5.54
C MET A 299 0.23 8.88 6.08
N ALA A 300 0.79 8.05 6.94
CA ALA A 300 0.08 6.95 7.55
C ALA A 300 -0.80 7.45 8.71
N HIS A 301 -1.99 6.89 8.77
CA HIS A 301 -2.93 6.95 9.93
C HIS A 301 -3.91 8.06 9.86
N GLY A 302 -3.54 9.24 10.34
CA GLY A 302 -4.39 10.41 10.18
C GLY A 302 -5.64 10.47 11.03
N CYS A 303 -5.73 9.60 12.02
CA CYS A 303 -6.95 9.40 12.79
C CYS A 303 -7.42 10.68 13.46
N TYR A 304 -6.49 11.57 13.87
CA TYR A 304 -6.87 12.76 14.60
C TYR A 304 -6.66 14.05 13.81
N LEU A 305 -6.67 13.98 12.48
CA LEU A 305 -6.56 15.16 11.64
C LEU A 305 -7.88 15.91 11.68
N SER A 306 -7.82 17.22 11.80
CA SER A 306 -9.03 18.03 11.82
C SER A 306 -9.44 18.37 10.37
N ALA A 307 -10.64 18.91 10.25
CA ALA A 307 -11.15 19.38 8.96
C ALA A 307 -10.19 20.40 8.35
N GLU A 308 -9.65 21.28 9.16
CA GLU A 308 -8.74 22.27 8.64
C GLU A 308 -7.48 21.60 8.08
N GLU A 309 -6.98 20.59 8.78
CA GLU A 309 -5.78 19.88 8.33
C GLU A 309 -6.04 19.12 7.02
N LEU A 310 -7.22 18.54 6.88
CA LEU A 310 -7.61 17.83 5.65
C LEU A 310 -7.67 18.78 4.44
N ASN A 311 -8.18 19.98 4.65
CA ASN A 311 -8.15 21.00 3.59
C ASN A 311 -6.75 21.29 3.13
N VAL A 312 -5.79 21.27 4.05
CA VAL A 312 -4.39 21.50 3.68
C VAL A 312 -3.81 20.31 2.88
N PHE A 313 -4.11 19.08 3.31
CA PHE A 313 -3.81 17.88 2.51
C PHE A 313 -4.39 18.02 1.11
N HIS A 314 -5.67 18.34 1.00
CA HIS A 314 -6.25 18.49 -0.29
C HIS A 314 -5.53 19.51 -1.14
N GLU A 315 -5.20 20.66 -0.57
CA GLU A 315 -4.58 21.75 -1.34
C GLU A 315 -3.18 21.41 -1.77
N ARG A 316 -2.42 20.70 -0.93
CA ARG A 316 -1.05 20.28 -1.30
C ARG A 316 -0.95 19.05 -2.20
N GLY A 317 -2.03 18.30 -2.37
CA GLY A 317 -1.98 17.01 -3.09
C GLY A 317 -1.40 15.86 -2.29
N ALA A 318 -1.36 15.97 -0.96
CA ALA A 318 -0.79 14.94 -0.13
C ALA A 318 -1.86 13.89 0.16
N SER A 319 -1.43 12.70 0.54
CA SER A 319 -2.30 11.53 0.64
C SER A 319 -2.24 10.89 2.02
N ILE A 320 -3.27 10.13 2.34
CA ILE A 320 -3.35 9.36 3.58
C ILE A 320 -3.33 7.84 3.35
N ALA A 321 -2.51 7.12 4.11
CA ALA A 321 -2.55 5.66 4.18
C ALA A 321 -3.38 5.23 5.38
N HIS A 322 -4.58 4.75 5.11
CA HIS A 322 -5.49 4.28 6.12
C HIS A 322 -5.07 2.90 6.59
N CYS A 323 -4.80 2.78 7.87
CA CYS A 323 -4.32 1.56 8.46
C CYS A 323 -5.23 1.05 9.55
N PRO A 324 -6.41 0.51 9.16
CA PRO A 324 -7.42 0.18 10.14
C PRO A 324 -7.07 -0.93 11.11
N ASN A 325 -6.40 -1.99 10.65
CA ASN A 325 -6.05 -3.05 11.59
C ASN A 325 -5.16 -2.46 12.73
N SER A 326 -4.12 -1.74 12.39
CA SER A 326 -3.23 -1.13 13.41
C SER A 326 -3.97 -0.15 14.34
N ASN A 327 -4.81 0.67 13.75
CA ASN A 327 -5.57 1.63 14.54
C ASN A 327 -6.45 0.97 15.63
N LEU A 328 -7.07 -0.17 15.34
CA LEU A 328 -7.80 -0.95 16.35
C LEU A 328 -6.88 -1.79 17.26
N SER A 329 -5.91 -2.47 16.66
CA SER A 329 -4.98 -3.33 17.41
C SER A 329 -4.22 -2.57 18.50
N LEU A 330 -3.78 -1.37 18.18
CA LEU A 330 -3.03 -0.56 19.15
C LEU A 330 -3.93 0.39 19.93
N SER A 331 -5.24 0.27 19.77
CA SER A 331 -6.20 1.16 20.42
C SER A 331 -5.88 2.63 20.17
N SER A 332 -5.65 2.95 18.90
CA SER A 332 -5.29 4.30 18.49
C SER A 332 -6.47 5.21 18.25
N GLY A 333 -7.37 4.80 17.37
CA GLY A 333 -8.39 5.71 16.90
C GLY A 333 -9.04 5.16 15.65
N PHE A 334 -10.00 5.93 15.13
CA PHE A 334 -10.70 5.61 13.90
C PHE A 334 -10.49 6.77 12.92
N LEU A 335 -9.84 6.53 11.81
CA LEU A 335 -9.91 7.44 10.65
C LEU A 335 -11.34 7.49 10.08
N ASN A 336 -11.92 8.69 9.96
CA ASN A 336 -13.21 8.89 9.30
C ASN A 336 -13.01 8.98 7.78
N VAL A 337 -13.07 7.84 7.11
CA VAL A 337 -12.79 7.80 5.69
C VAL A 337 -13.84 8.59 4.90
N LEU A 338 -15.11 8.52 5.29
CA LEU A 338 -16.13 9.34 4.62
C LEU A 338 -15.80 10.82 4.67
N GLU A 339 -15.25 11.30 5.79
CA GLU A 339 -14.88 12.72 5.90
C GLU A 339 -13.65 12.99 5.01
N VAL A 340 -12.68 12.07 5.00
CA VAL A 340 -11.55 12.22 4.11
C VAL A 340 -11.98 12.32 2.65
N LEU A 341 -12.94 11.51 2.25
CA LEU A 341 -13.40 11.54 0.87
C LEU A 341 -14.19 12.81 0.57
N LYS A 342 -15.02 13.22 1.50
CA LYS A 342 -15.75 14.49 1.40
C LYS A 342 -14.82 15.68 1.17
N HIS A 343 -13.62 15.62 1.73
CA HIS A 343 -12.59 16.65 1.53
C HIS A 343 -11.74 16.45 0.31
N GLU A 344 -12.00 15.39 -0.44
CA GLU A 344 -11.28 15.09 -1.68
C GLU A 344 -9.79 14.93 -1.43
N VAL A 345 -9.47 14.32 -0.31
CA VAL A 345 -8.10 13.96 0.00
C VAL A 345 -7.84 12.56 -0.57
N LYS A 346 -6.69 12.40 -1.21
CA LYS A 346 -6.23 11.10 -1.73
C LYS A 346 -5.98 10.11 -0.60
N ILE A 347 -6.51 8.91 -0.75
CA ILE A 347 -6.41 7.92 0.29
C ILE A 347 -6.29 6.49 -0.27
N GLY A 348 -5.37 5.70 0.32
CA GLY A 348 -5.23 4.27 0.05
C GLY A 348 -5.28 3.49 1.37
N LEU A 349 -5.12 2.18 1.28
CA LEU A 349 -5.09 1.30 2.45
C LEU A 349 -3.69 0.76 2.67
N GLY A 350 -3.41 0.45 3.92
CA GLY A 350 -2.13 -0.10 4.31
C GLY A 350 -2.36 -1.16 5.38
N THR A 351 -1.40 -2.07 5.55
CA THR A 351 -1.46 -3.05 6.62
C THR A 351 -0.76 -2.57 7.88
N ASP A 352 0.17 -1.64 7.75
CA ASP A 352 0.95 -1.19 8.89
C ASP A 352 1.53 -2.32 9.72
N VAL A 353 2.01 -3.39 9.10
CA VAL A 353 2.83 -4.39 9.80
C VAL A 353 3.93 -3.64 10.58
N ALA A 354 4.24 -3.97 11.83
CA ALA A 354 3.57 -4.93 12.70
C ALA A 354 2.54 -4.30 13.69
N GLY A 355 2.33 -3.00 13.61
CA GLY A 355 1.31 -2.34 14.43
C GLY A 355 0.00 -3.01 14.11
N GLY A 356 -0.28 -3.22 12.82
CA GLY A 356 -1.39 -4.14 12.44
C GLY A 356 -0.79 -5.54 12.30
N TYR A 357 -1.47 -6.56 12.79
CA TYR A 357 -0.84 -7.87 12.83
C TYR A 357 -0.91 -8.62 11.52
N SER A 358 -1.76 -8.18 10.59
CA SER A 358 -1.91 -8.91 9.35
C SER A 358 -1.09 -8.30 8.20
N TYR A 359 -0.47 -9.16 7.41
CA TYR A 359 0.23 -8.80 6.20
C TYR A 359 -0.68 -8.71 4.98
N SER A 360 -1.98 -8.97 5.16
CA SER A 360 -2.89 -9.08 4.02
C SER A 360 -3.72 -7.86 3.76
N MET A 361 -3.77 -7.45 2.49
CA MET A 361 -4.59 -6.35 2.06
C MET A 361 -6.07 -6.73 2.09
N LEU A 362 -6.37 -8.01 1.93
CA LEU A 362 -7.74 -8.51 2.14
C LEU A 362 -8.15 -8.28 3.59
N ASP A 363 -7.27 -8.56 4.54
CA ASP A 363 -7.53 -8.12 5.92
C ASP A 363 -7.75 -6.60 6.04
N ALA A 364 -6.96 -5.80 5.34
CA ALA A 364 -7.10 -4.36 5.42
C ALA A 364 -8.48 -3.91 4.87
N ILE A 365 -8.94 -4.57 3.81
CA ILE A 365 -10.21 -4.23 3.21
C ILE A 365 -11.32 -4.51 4.24
N ARG A 366 -11.27 -5.69 4.84
CA ARG A 366 -12.29 -6.08 5.82
C ARG A 366 -12.33 -5.16 7.02
N ARG A 367 -11.15 -4.82 7.54
CA ARG A 367 -11.05 -3.92 8.68
C ARG A 367 -11.52 -2.51 8.35
N ALA A 368 -11.23 -2.02 7.16
CA ALA A 368 -11.73 -0.74 6.73
C ALA A 368 -13.25 -0.66 6.73
N VAL A 369 -13.91 -1.71 6.25
CA VAL A 369 -15.38 -1.75 6.28
C VAL A 369 -15.83 -1.68 7.72
N MET A 370 -15.18 -2.46 8.56
CA MET A 370 -15.54 -2.51 9.96
C MET A 370 -15.36 -1.15 10.69
N VAL A 371 -14.26 -0.44 10.45
CA VAL A 371 -14.07 0.94 11.05
C VAL A 371 -15.19 1.92 10.65
N SER A 372 -15.61 1.87 9.40
CA SER A 372 -16.68 2.73 8.94
C SER A 372 -17.99 2.38 9.62
N ASN A 373 -18.22 1.10 9.86
CA ASN A 373 -19.38 0.65 10.65
C ASN A 373 -19.29 1.12 12.11
N ILE A 374 -18.09 1.11 12.70
CA ILE A 374 -17.93 1.66 14.03
C ILE A 374 -18.38 3.11 14.11
N LEU A 375 -18.02 3.91 13.13
CA LEU A 375 -18.47 5.29 13.08
C LEU A 375 -20.00 5.45 12.92
N LEU A 376 -20.64 4.50 12.22
CA LEU A 376 -22.11 4.50 12.11
C LEU A 376 -22.77 4.12 13.45
N ILE A 377 -22.26 3.09 14.13
CA ILE A 377 -22.76 2.67 15.43
C ILE A 377 -22.66 3.80 16.47
N ASN A 378 -21.55 4.53 16.46
CA ASN A 378 -21.32 5.64 17.38
C ASN A 378 -22.03 6.91 16.94
N LYS A 379 -22.78 6.86 15.85
CA LYS A 379 -23.45 8.04 15.29
C LYS A 379 -22.56 9.25 14.89
N VAL A 380 -21.28 9.04 14.64
CA VAL A 380 -20.42 10.07 14.03
C VAL A 380 -20.82 10.29 12.57
N ASN A 381 -21.06 9.21 11.84
CA ASN A 381 -21.50 9.30 10.46
C ASN A 381 -22.91 8.75 10.34
N GLU A 382 -23.58 9.09 9.26
CA GLU A 382 -24.91 8.58 8.94
C GLU A 382 -24.92 7.34 8.07
N LYS A 383 -23.78 6.99 7.52
CA LYS A 383 -23.65 5.78 6.74
C LYS A 383 -22.24 5.22 6.84
N SER A 384 -22.06 4.04 6.28
CA SER A 384 -20.77 3.36 6.31
C SER A 384 -20.28 3.22 4.88
N LEU A 385 -19.06 2.74 4.71
CA LEU A 385 -18.50 2.54 3.40
C LEU A 385 -19.00 1.21 2.91
N THR A 386 -19.36 1.13 1.64
CA THR A 386 -19.66 -0.18 1.04
C THR A 386 -18.38 -1.01 0.77
N LEU A 387 -18.54 -2.32 0.68
CA LEU A 387 -17.43 -3.18 0.32
C LEU A 387 -16.81 -2.77 -1.02
N LYS A 388 -17.66 -2.39 -1.98
CA LYS A 388 -17.17 -1.92 -3.26
C LYS A 388 -16.30 -0.67 -3.16
N GLU A 389 -16.71 0.30 -2.37
CA GLU A 389 -15.87 1.49 -2.19
C GLU A 389 -14.52 1.17 -1.60
N VAL A 390 -14.50 0.26 -0.62
CA VAL A 390 -13.25 -0.17 -0.02
C VAL A 390 -12.36 -0.95 -0.99
N PHE A 391 -12.98 -1.79 -1.81
CA PHE A 391 -12.26 -2.46 -2.90
C PHE A 391 -11.55 -1.44 -3.83
N ARG A 392 -12.24 -0.34 -4.09
CA ARG A 392 -11.64 0.73 -4.93
C ARG A 392 -10.45 1.41 -4.21
N LEU A 393 -10.59 1.65 -2.91
CA LEU A 393 -9.46 2.16 -2.11
C LEU A 393 -8.24 1.24 -2.18
N ALA A 394 -8.46 -0.06 -2.17
CA ALA A 394 -7.38 -1.02 -2.08
C ALA A 394 -6.58 -1.16 -3.35
N THR A 395 -7.13 -0.66 -4.47
CA THR A 395 -6.56 -0.80 -5.81
C THR A 395 -6.32 0.61 -6.39
N LEU A 396 -7.34 1.21 -6.97
CA LEU A 396 -7.20 2.54 -7.60
C LEU A 396 -6.88 3.70 -6.62
N GLY A 397 -7.50 3.69 -5.44
CA GLY A 397 -7.28 4.72 -4.45
C GLY A 397 -5.85 4.75 -3.99
N GLY A 398 -5.36 3.56 -3.60
CA GLY A 398 -3.95 3.37 -3.27
C GLY A 398 -2.99 3.76 -4.35
N SER A 399 -3.31 3.40 -5.59
CA SER A 399 -2.42 3.78 -6.67
C SER A 399 -2.40 5.29 -6.79
N GLN A 400 -3.56 5.90 -6.69
CA GLN A 400 -3.59 7.37 -6.70
C GLN A 400 -2.78 7.96 -5.52
N ALA A 401 -2.95 7.42 -4.32
CA ALA A 401 -2.19 7.88 -3.14
C ALA A 401 -0.66 7.85 -3.33
N LEU A 402 -0.14 6.86 -4.06
CA LEU A 402 1.29 6.77 -4.37
C LEU A 402 1.73 7.45 -5.69
N GLY A 403 0.82 8.18 -6.31
CA GLY A 403 1.12 8.89 -7.58
C GLY A 403 1.28 7.96 -8.78
N LEU A 404 0.71 6.75 -8.72
CA LEU A 404 0.88 5.73 -9.77
C LEU A 404 -0.38 5.40 -10.58
N ASP A 405 -1.43 6.17 -10.41
CA ASP A 405 -2.70 5.83 -11.01
C ASP A 405 -2.78 6.08 -12.52
N GLY A 406 -1.77 6.75 -13.08
CA GLY A 406 -1.56 6.79 -14.52
C GLY A 406 -0.99 5.47 -15.05
N GLU A 407 -0.35 4.68 -14.20
CA GLU A 407 0.28 3.42 -14.62
C GLU A 407 -0.42 2.15 -14.13
N ILE A 408 -1.07 2.17 -12.97
CA ILE A 408 -1.66 0.95 -12.38
C ILE A 408 -3.00 1.27 -11.75
N GLY A 409 -3.61 0.24 -11.18
CA GLY A 409 -4.75 0.41 -10.29
C GLY A 409 -6.06 -0.12 -10.87
N ASN A 410 -6.12 -0.20 -12.21
CA ASN A 410 -7.22 -0.89 -12.90
C ASN A 410 -6.83 -1.37 -14.32
N PHE A 411 -7.80 -1.91 -15.06
CA PHE A 411 -7.59 -2.47 -16.40
C PHE A 411 -8.05 -1.40 -17.38
N GLU A 412 -7.10 -0.65 -17.86
CA GLU A 412 -7.33 0.39 -18.83
C GLU A 412 -6.20 0.23 -19.76
N VAL A 413 -6.49 0.41 -21.05
CA VAL A 413 -5.48 0.39 -22.08
C VAL A 413 -4.47 1.48 -21.78
N GLY A 414 -3.19 1.16 -21.84
CA GLY A 414 -2.15 2.11 -21.48
C GLY A 414 -1.45 1.70 -20.20
N LYS A 415 -2.18 1.08 -19.28
CA LYS A 415 -1.63 0.74 -17.97
C LYS A 415 -0.80 -0.55 -17.97
N GLU A 416 0.11 -0.63 -17.01
CA GLU A 416 0.80 -1.85 -16.71
C GLU A 416 -0.17 -2.93 -16.21
N PHE A 417 0.06 -4.16 -16.63
CA PHE A 417 -0.74 -5.29 -16.18
C PHE A 417 -0.23 -5.76 -14.82
N ASP A 418 -0.77 -5.15 -13.76
CA ASP A 418 -0.55 -5.59 -12.36
C ASP A 418 -1.87 -6.24 -11.97
N ALA A 419 -1.88 -7.55 -11.77
CA ALA A 419 -3.14 -8.27 -11.65
C ALA A 419 -2.95 -9.59 -10.95
N ILE A 420 -4.05 -10.09 -10.41
CA ILE A 420 -4.09 -11.32 -9.69
C ILE A 420 -5.27 -12.12 -10.22
N LEU A 421 -4.99 -13.39 -10.53
CA LEU A 421 -6.01 -14.33 -10.96
C LEU A 421 -6.56 -14.99 -9.75
N ILE A 422 -7.86 -14.83 -9.55
CA ILE A 422 -8.53 -15.39 -8.41
C ILE A 422 -9.29 -16.65 -8.84
N ASN A 423 -9.15 -17.72 -8.05
CA ASN A 423 -9.92 -18.91 -8.23
C ASN A 423 -10.60 -19.25 -6.93
N PRO A 424 -11.87 -18.93 -6.84
CA PRO A 424 -12.61 -19.22 -5.60
C PRO A 424 -12.82 -20.72 -5.33
N LYS A 425 -12.56 -21.57 -6.32
CA LYS A 425 -12.68 -23.02 -6.19
C LYS A 425 -11.35 -23.70 -6.16
N ALA A 426 -10.28 -22.99 -5.78
CA ALA A 426 -8.97 -23.61 -5.79
C ALA A 426 -8.92 -24.75 -4.78
N SER A 427 -7.88 -25.57 -4.88
CA SER A 427 -7.66 -26.65 -3.94
C SER A 427 -7.62 -26.07 -2.58
N ASP A 428 -8.40 -26.65 -1.68
CA ASP A 428 -8.37 -26.36 -0.26
C ASP A 428 -8.88 -24.96 0.03
N SER A 429 -9.70 -24.47 -0.88
CA SER A 429 -10.21 -23.15 -0.80
C SER A 429 -10.96 -22.95 0.50
N PRO A 430 -10.77 -21.78 1.14
CA PRO A 430 -11.53 -21.47 2.35
C PRO A 430 -12.99 -21.09 2.07
N ILE A 431 -13.38 -21.01 0.79
CA ILE A 431 -14.68 -20.52 0.38
C ILE A 431 -15.52 -21.73 -0.08
N ASP A 432 -16.77 -21.80 0.34
CA ASP A 432 -17.72 -22.84 -0.16
C ASP A 432 -18.66 -22.09 -1.09
N LEU A 433 -18.65 -22.49 -2.36
CA LEU A 433 -19.51 -21.88 -3.38
C LEU A 433 -20.73 -22.74 -3.59
N PHE A 434 -21.86 -22.09 -3.83
CA PHE A 434 -23.12 -22.79 -4.00
C PHE A 434 -23.66 -22.27 -5.31
N TYR A 435 -24.53 -23.06 -5.90
CA TYR A 435 -25.18 -22.70 -7.15
C TYR A 435 -25.83 -21.35 -7.05
N GLY A 436 -26.53 -21.11 -5.96
CA GLY A 436 -27.06 -19.77 -5.70
C GLY A 436 -26.12 -18.56 -5.83
N ASP A 437 -24.80 -18.73 -5.61
CA ASP A 437 -23.83 -17.60 -5.74
C ASP A 437 -23.69 -17.12 -7.17
N PHE A 438 -24.10 -17.94 -8.11
CA PHE A 438 -23.99 -17.59 -9.51
C PHE A 438 -25.37 -17.26 -10.10
N PHE A 439 -26.44 -17.87 -9.56
CA PHE A 439 -27.79 -17.75 -10.12
C PHE A 439 -28.87 -17.25 -9.16
N GLY A 440 -28.47 -16.89 -7.94
CA GLY A 440 -29.42 -16.40 -6.96
C GLY A 440 -29.67 -14.92 -7.09
N ASP A 441 -30.08 -14.32 -5.98
CA ASP A 441 -30.55 -12.94 -5.95
C ASP A 441 -29.58 -11.99 -5.26
N ILE A 442 -28.37 -12.44 -4.93
CA ILE A 442 -27.37 -11.55 -4.33
C ILE A 442 -26.34 -11.22 -5.40
N SER A 443 -26.12 -9.93 -5.63
CA SER A 443 -25.22 -9.44 -6.67
C SER A 443 -23.75 -9.54 -6.24
N GLU A 444 -22.90 -9.91 -7.21
CA GLU A 444 -21.47 -10.10 -6.99
C GLU A 444 -21.21 -11.05 -5.80
N ALA A 445 -22.09 -12.04 -5.58
CA ALA A 445 -21.97 -12.95 -4.45
C ALA A 445 -20.58 -13.56 -4.39
N VAL A 446 -20.11 -14.08 -5.52
CA VAL A 446 -18.82 -14.78 -5.50
C VAL A 446 -17.70 -13.79 -5.18
N ILE A 447 -17.73 -12.63 -5.81
CA ILE A 447 -16.68 -11.62 -5.60
C ILE A 447 -16.63 -11.22 -4.13
N GLN A 448 -17.79 -11.01 -3.53
CA GLN A 448 -17.87 -10.65 -2.13
C GLN A 448 -17.36 -11.76 -1.22
N LYS A 449 -17.64 -13.03 -1.55
CA LYS A 449 -17.15 -14.11 -0.68
C LYS A 449 -15.66 -14.17 -0.72
N PHE A 450 -15.07 -13.87 -1.86
CA PHE A 450 -13.61 -13.89 -1.95
C PHE A 450 -13.03 -12.76 -1.07
N LEU A 451 -13.63 -11.58 -1.16
CA LEU A 451 -13.15 -10.40 -0.37
C LEU A 451 -13.29 -10.60 1.14
N TYR A 452 -14.35 -11.28 1.58
CA TYR A 452 -14.57 -11.59 2.99
C TYR A 452 -13.97 -12.86 3.52
N LEU A 453 -13.86 -13.91 2.67
CA LEU A 453 -13.42 -15.22 3.12
C LEU A 453 -12.16 -15.75 2.44
N GLY A 454 -11.72 -15.12 1.36
CA GLY A 454 -10.60 -15.66 0.62
C GLY A 454 -9.27 -15.47 1.30
N ASP A 455 -8.27 -16.18 0.80
CA ASP A 455 -6.91 -16.02 1.27
C ASP A 455 -5.95 -16.38 0.15
N ASP A 456 -4.66 -16.40 0.44
CA ASP A 456 -3.66 -16.77 -0.54
C ASP A 456 -3.96 -18.07 -1.32
N ARG A 457 -4.66 -19.03 -0.75
CA ARG A 457 -5.04 -20.20 -1.58
C ARG A 457 -5.88 -19.87 -2.81
N ASN A 458 -6.57 -18.74 -2.81
CA ASN A 458 -7.40 -18.33 -3.92
C ASN A 458 -6.68 -17.53 -4.98
N ILE A 459 -5.43 -17.15 -4.69
CA ILE A 459 -4.66 -16.37 -5.60
C ILE A 459 -3.77 -17.36 -6.38
N GLU A 460 -4.12 -17.64 -7.62
CA GLU A 460 -3.39 -18.63 -8.40
C GLU A 460 -2.19 -18.04 -9.11
N GLU A 461 -2.32 -16.82 -9.62
CA GLU A 461 -1.25 -16.18 -10.37
C GLU A 461 -1.22 -14.70 -10.03
N VAL A 462 -0.01 -14.16 -9.98
CA VAL A 462 0.20 -12.73 -9.77
C VAL A 462 1.13 -12.22 -10.86
N TYR A 463 0.72 -11.14 -11.50
CA TYR A 463 1.45 -10.44 -12.57
C TYR A 463 1.81 -9.02 -12.11
N VAL A 464 3.06 -8.61 -12.31
CA VAL A 464 3.47 -7.21 -12.07
C VAL A 464 4.20 -6.77 -13.34
N GLY A 465 3.80 -5.66 -13.92
CA GLY A 465 4.43 -5.19 -15.16
C GLY A 465 4.30 -6.24 -16.24
N GLY A 466 3.19 -6.98 -16.24
CA GLY A 466 2.94 -8.00 -17.27
C GLY A 466 3.74 -9.26 -17.12
N LYS A 467 4.56 -9.37 -16.08
CA LYS A 467 5.38 -10.57 -15.88
C LYS A 467 4.77 -11.38 -14.76
N GLN A 468 4.73 -12.69 -14.92
CA GLN A 468 4.22 -13.57 -13.90
C GLN A 468 5.26 -13.72 -12.78
N VAL A 469 4.91 -13.30 -11.58
CA VAL A 469 5.83 -13.30 -10.44
C VAL A 469 5.43 -14.36 -9.43
N VAL A 470 4.19 -14.78 -9.46
CA VAL A 470 3.74 -15.88 -8.62
C VAL A 470 2.99 -16.83 -9.57
N PRO A 471 3.31 -18.13 -9.56
CA PRO A 471 4.26 -18.80 -8.70
C PRO A 471 5.68 -18.30 -8.92
N PHE A 472 6.55 -18.58 -7.97
CA PHE A 472 7.87 -17.93 -7.84
C PHE A 472 8.94 -18.46 -8.81
ZN ZN B . 3.71 2.76 10.58
CG2 TXC C . 4.59 10.32 22.13
CB TXC C . 3.33 9.68 22.71
CG1 TXC C . 3.41 9.63 24.26
CA TXC C . 2.97 8.31 22.08
N TXC C . 3.12 7.24 23.08
C TXC C . 3.81 7.94 20.82
O TXC C . 5.05 7.96 20.88
OAO TXC C . 3.18 7.56 19.65
CAI TXC C . 4.11 6.83 18.75
CAH TXC C . 3.57 6.36 17.37
OAN TXC C . 3.64 7.40 16.36
CAJ TXC C . 3.92 7.02 14.98
N9 TXC C . 4.92 5.93 14.72
C8 TXC C . 6.25 6.03 14.71
N7 TXC C . 6.79 4.80 14.44
C5 TXC C . 5.76 3.95 14.27
C4 TXC C . 4.57 4.67 14.46
N3 TXC C . 3.36 4.11 14.35
C2 TXC C . 3.27 2.77 14.09
N2 TXC C . 2.05 2.20 13.98
N1 TXC C . 4.45 1.98 13.87
C6 TXC C . 5.73 2.57 13.97
O6 TXC C . 6.77 1.91 13.82
#